data_2XNM
#
_entry.id   2XNM
#
_cell.length_a   100.800
_cell.length_b   56.830
_cell.length_c   81.300
_cell.angle_alpha   90.00
_cell.angle_beta   133.21
_cell.angle_gamma   90.00
#
_symmetry.space_group_name_H-M   'C 1 2 1'
#
loop_
_entity.id
_entity.type
_entity.pdbx_description
1 polymer 'SERINE/THREONINE-PROTEIN KINASE NEK2'
2 non-polymer 5-{6-[(1-METHYLPIPERIDIN-4-YL)OXY]-1H-BENZIMIDAZOL-1-YL}-3-{(1R)-1-[2-(TRIFLUOROMETHYL)PHENYL]ETHOXY}THIOPHENE-2-CARBOXAMIDE
3 non-polymer 1,2-ETHANEDIOL
4 non-polymer 'CHLORIDE ION'
5 non-polymer 2-AMINO-2-HYDROXYMETHYL-PROPANE-1,3-DIOL
6 water water
#
_entity_poly.entity_id   1
_entity_poly.type   'polypeptide(L)'
_entity_poly.pdbx_seq_one_letter_code
;MPSRAEDYEVLYTIGTGSYGRCQKIRRKSDGKILVWKELDYGSMTEAEKQMLVSEVNLLRELKHPNIVRYYDRIIDRTNT
TLYIVMEYCEGGDLASVITKGTKERQYLDEEFVLRVMTQLTLALKECHRRSDGGHTVLHRDLKPANVFLDGKQNVKLGDF
GLARILNHDTSFAKTFVGTPYYMSPEQMNRMSYNEKSDIWSLGCLLYELCALMPPFTAFSQKELAGKIREGKFRRIPYRY
SDELNEIITRMLNLKDYHRPSVEEILENPLILEHHHHHH
;
_entity_poly.pdbx_strand_id   A
#
# COMPACT_ATOMS: atom_id res chain seq x y z
N SER A 3 -15.32 -22.49 9.12
CA SER A 3 -15.11 -21.10 9.51
C SER A 3 -16.43 -20.47 9.96
N ARG A 4 -16.48 -20.05 11.23
CA ARG A 4 -17.66 -19.42 11.77
C ARG A 4 -17.28 -18.13 12.49
N ALA A 5 -18.16 -17.12 12.42
CA ALA A 5 -17.90 -15.87 13.11
C ALA A 5 -17.69 -16.14 14.60
N GLU A 6 -18.38 -17.16 15.11
CA GLU A 6 -18.31 -17.55 16.51
C GLU A 6 -16.89 -17.93 16.96
N ASP A 7 -16.04 -18.25 15.99
CA ASP A 7 -14.65 -18.60 16.29
C ASP A 7 -13.83 -17.37 16.66
N TYR A 8 -14.44 -16.19 16.52
CA TYR A 8 -13.73 -14.94 16.75
C TYR A 8 -14.55 -14.02 17.65
N GLU A 9 -13.86 -13.16 18.39
CA GLU A 9 -14.55 -12.12 19.13
C GLU A 9 -14.05 -10.73 18.71
N VAL A 10 -14.99 -9.84 18.39
CA VAL A 10 -14.64 -8.48 17.99
C VAL A 10 -14.13 -7.72 19.20
N LEU A 11 -12.96 -7.10 19.08
CA LEU A 11 -12.44 -6.22 20.11
C LEU A 11 -13.02 -4.81 19.93
N TYR A 12 -12.79 -4.21 18.77
CA TYR A 12 -13.43 -2.94 18.43
C TYR A 12 -13.28 -2.60 16.96
N THR A 13 -13.98 -1.56 16.53
CA THR A 13 -13.95 -1.12 15.14
C THR A 13 -12.77 -0.20 14.89
N ILE A 14 -11.99 -0.53 13.86
CA ILE A 14 -10.82 0.25 13.46
C ILE A 14 -11.19 1.33 12.44
N GLY A 15 -12.12 1.00 11.55
CA GLY A 15 -12.51 1.93 10.50
C GLY A 15 -13.86 1.58 9.92
N THR A 16 -14.51 2.58 9.33
CA THR A 16 -15.85 2.38 8.80
C THR A 16 -16.00 3.07 7.46
N GLY A 17 -16.49 2.31 6.48
CA GLY A 17 -16.78 2.85 5.17
C GLY A 17 -18.27 2.86 4.95
N SER A 18 -18.70 3.27 3.76
CA SER A 18 -20.13 3.38 3.46
C SER A 18 -20.85 2.03 3.51
N TYR A 19 -20.16 0.98 3.09
CA TYR A 19 -20.80 -0.33 2.93
C TYR A 19 -20.37 -1.39 3.96
N GLY A 20 -19.29 -1.12 4.70
CA GLY A 20 -18.82 -2.07 5.69
C GLY A 20 -17.80 -1.51 6.67
N ARG A 21 -17.32 -2.38 7.57
CA ARG A 21 -16.39 -1.96 8.60
C ARG A 21 -15.15 -2.86 8.64
N CYS A 22 -14.09 -2.33 9.24
CA CYS A 22 -12.89 -3.09 9.52
CA CYS A 22 -12.90 -3.10 9.54
C CYS A 22 -12.76 -3.13 11.05
N GLN A 23 -12.63 -4.33 11.61
CA GLN A 23 -12.61 -4.49 13.05
C GLN A 23 -11.43 -5.33 13.50
N LYS A 24 -10.90 -4.97 14.66
CA LYS A 24 -9.84 -5.76 15.27
C LYS A 24 -10.54 -6.87 16.03
N ILE A 25 -10.06 -8.10 15.82
CA ILE A 25 -10.71 -9.28 16.41
C ILE A 25 -9.68 -10.20 17.05
N ARG A 26 -10.16 -11.13 17.86
CA ARG A 26 -9.31 -12.09 18.52
C ARG A 26 -9.81 -13.50 18.21
N ARG A 27 -8.93 -14.34 17.66
CA ARG A 27 -9.26 -15.72 17.39
C ARG A 27 -9.33 -16.49 18.72
N LYS A 28 -10.47 -17.13 19.00
CA LYS A 28 -10.71 -17.76 20.30
C LYS A 28 -9.75 -18.91 20.63
N SER A 29 -9.47 -19.74 19.63
CA SER A 29 -8.71 -20.97 19.84
C SER A 29 -7.33 -20.70 20.47
N ASP A 30 -6.65 -19.65 20.00
CA ASP A 30 -5.27 -19.40 20.44
C ASP A 30 -5.00 -17.94 20.82
N GLY A 31 -6.03 -17.10 20.75
CA GLY A 31 -5.87 -15.70 21.13
C GLY A 31 -5.22 -14.81 20.10
N LYS A 32 -4.96 -15.32 18.90
CA LYS A 32 -4.30 -14.50 17.89
C LYS A 32 -5.12 -13.28 17.53
N ILE A 33 -4.45 -12.13 17.52
CA ILE A 33 -5.07 -10.87 17.11
C ILE A 33 -5.02 -10.73 15.58
N LEU A 34 -6.19 -10.43 15.00
CA LEU A 34 -6.36 -10.33 13.55
C LEU A 34 -7.26 -9.13 13.26
N VAL A 35 -7.60 -8.90 11.99
CA VAL A 35 -8.66 -7.95 11.68
C VAL A 35 -9.63 -8.62 10.74
N TRP A 36 -10.86 -8.14 10.67
CA TRP A 36 -11.70 -8.55 9.54
C TRP A 36 -12.42 -7.39 8.86
N LYS A 37 -12.70 -7.58 7.57
CA LYS A 37 -13.51 -6.64 6.82
C LYS A 37 -14.89 -7.25 6.76
N GLU A 38 -15.88 -6.47 7.20
CA GLU A 38 -17.26 -6.91 7.29
C GLU A 38 -18.01 -6.29 6.14
N LEU A 39 -18.52 -7.12 5.23
CA LEU A 39 -19.20 -6.65 4.02
C LEU A 39 -20.64 -7.18 3.96
N ASP A 40 -21.61 -6.27 3.86
CA ASP A 40 -23.01 -6.65 3.69
C ASP A 40 -23.29 -6.85 2.20
N TYR A 41 -23.45 -8.10 1.78
CA TYR A 41 -23.64 -8.39 0.36
C TYR A 41 -25.12 -8.53 0.00
N GLY A 42 -25.99 -8.18 0.94
CA GLY A 42 -27.43 -8.38 0.76
C GLY A 42 -28.00 -7.70 -0.48
N SER A 43 -27.42 -6.56 -0.86
CA SER A 43 -27.96 -5.78 -1.96
C SER A 43 -27.27 -6.08 -3.29
N MET A 44 -26.37 -7.06 -3.27
CA MET A 44 -25.61 -7.41 -4.47
C MET A 44 -26.36 -8.35 -5.41
N THR A 45 -26.08 -8.21 -6.69
CA THR A 45 -26.62 -9.12 -7.70
C THR A 45 -25.78 -10.39 -7.71
N GLU A 46 -26.26 -11.42 -8.38
CA GLU A 46 -25.48 -12.65 -8.46
C GLU A 46 -24.14 -12.40 -9.14
N ALA A 47 -24.15 -11.56 -10.17
CA ALA A 47 -22.93 -11.20 -10.88
C ALA A 47 -21.92 -10.56 -9.95
N GLU A 48 -22.36 -9.55 -9.22
CA GLU A 48 -21.50 -8.88 -8.26
C GLU A 48 -20.94 -9.85 -7.21
N LYS A 49 -21.78 -10.77 -6.75
CA LYS A 49 -21.34 -11.74 -5.75
C LYS A 49 -20.31 -12.71 -6.33
N GLN A 50 -20.49 -13.08 -7.59
CA GLN A 50 -19.54 -13.96 -8.27
C GLN A 50 -18.16 -13.34 -8.35
N MET A 51 -18.09 -12.11 -8.85
CA MET A 51 -16.81 -11.40 -8.95
C MET A 51 -16.24 -11.05 -7.58
N LEU A 52 -17.07 -11.19 -6.54
CA LEU A 52 -16.60 -11.01 -5.17
C LEU A 52 -15.85 -12.28 -4.75
N VAL A 53 -16.42 -13.43 -5.09
CA VAL A 53 -15.78 -14.71 -4.84
C VAL A 53 -14.44 -14.82 -5.54
N SER A 54 -14.38 -14.33 -6.78
CA SER A 54 -13.16 -14.42 -7.58
C SER A 54 -12.07 -13.52 -7.00
N GLU A 55 -12.45 -12.32 -6.57
CA GLU A 55 -11.52 -11.41 -5.92
C GLU A 55 -10.97 -12.03 -4.64
N VAL A 56 -11.84 -12.60 -3.83
CA VAL A 56 -11.42 -13.20 -2.56
C VAL A 56 -10.49 -14.38 -2.80
N ASN A 57 -10.73 -15.13 -3.88
CA ASN A 57 -9.84 -16.22 -4.25
C ASN A 57 -8.42 -15.75 -4.58
N LEU A 58 -8.32 -14.58 -5.18
CA LEU A 58 -7.02 -13.99 -5.49
C LEU A 58 -6.25 -13.60 -4.22
N LEU A 59 -6.98 -13.14 -3.21
CA LEU A 59 -6.39 -12.84 -1.90
C LEU A 59 -5.70 -14.08 -1.33
N ARG A 60 -6.31 -15.24 -1.55
CA ARG A 60 -5.77 -16.48 -1.00
C ARG A 60 -4.52 -16.93 -1.77
N GLU A 61 -4.32 -16.39 -2.96
CA GLU A 61 -3.22 -16.82 -3.82
C GLU A 61 -1.86 -16.27 -3.40
N LEU A 62 -1.85 -15.09 -2.80
CA LEU A 62 -0.59 -14.44 -2.44
C LEU A 62 -0.19 -14.70 -1.00
N LYS A 63 1.03 -15.18 -0.81
CA LYS A 63 1.56 -15.39 0.53
C LYS A 63 3.03 -14.96 0.54
N HIS A 64 3.32 -13.90 1.28
CA HIS A 64 4.63 -13.24 1.23
C HIS A 64 4.76 -12.38 2.47
N PRO A 65 5.97 -12.27 3.04
CA PRO A 65 6.12 -11.50 4.29
C PRO A 65 5.78 -10.01 4.13
N ASN A 66 5.86 -9.48 2.90
CA ASN A 66 5.57 -8.06 2.70
C ASN A 66 4.22 -7.79 2.04
N ILE A 67 3.32 -8.76 2.11
CA ILE A 67 1.96 -8.61 1.62
C ILE A 67 1.00 -8.95 2.76
N VAL A 68 0.03 -8.08 3.01
CA VAL A 68 -0.92 -8.32 4.10
C VAL A 68 -1.52 -9.72 3.93
N ARG A 69 -1.39 -10.53 4.97
CA ARG A 69 -1.74 -11.95 4.84
C ARG A 69 -3.23 -12.20 4.99
N TYR A 70 -3.79 -12.99 4.09
CA TYR A 70 -5.17 -13.42 4.17
C TYR A 70 -5.25 -14.66 5.07
N TYR A 71 -6.27 -14.73 5.92
CA TYR A 71 -6.39 -15.86 6.85
C TYR A 71 -7.62 -16.73 6.64
N ASP A 72 -8.75 -16.11 6.30
CA ASP A 72 -10.02 -16.83 6.36
C ASP A 72 -11.12 -16.00 5.74
N ARG A 73 -12.23 -16.64 5.39
CA ARG A 73 -13.40 -15.92 4.92
C ARG A 73 -14.60 -16.59 5.57
N ILE A 74 -15.53 -15.79 6.07
CA ILE A 74 -16.69 -16.33 6.76
C ILE A 74 -17.96 -15.78 6.14
N ILE A 75 -18.88 -16.68 5.81
CA ILE A 75 -20.17 -16.28 5.28
C ILE A 75 -21.22 -16.41 6.38
N ASP A 76 -21.82 -15.29 6.76
CA ASP A 76 -22.97 -15.29 7.66
C ASP A 76 -24.22 -14.99 6.85
N ARG A 77 -24.83 -16.04 6.29
CA ARG A 77 -25.97 -15.87 5.40
C ARG A 77 -27.21 -15.32 6.10
N THR A 78 -27.22 -15.39 7.43
CA THR A 78 -28.34 -14.87 8.20
C THR A 78 -28.42 -13.35 8.08
N ASN A 79 -27.28 -12.68 8.30
CA ASN A 79 -27.23 -11.23 8.17
C ASN A 79 -26.64 -10.83 6.83
N THR A 80 -26.60 -11.78 5.90
CA THR A 80 -25.98 -11.59 4.59
C THR A 80 -24.68 -10.81 4.68
N THR A 81 -23.82 -11.21 5.60
CA THR A 81 -22.52 -10.55 5.74
C THR A 81 -21.36 -11.49 5.45
N LEU A 82 -20.36 -10.96 4.74
CA LEU A 82 -19.15 -11.69 4.46
C LEU A 82 -18.01 -11.05 5.27
N TYR A 83 -17.26 -11.89 5.98
CA TYR A 83 -16.07 -11.42 6.71
C TYR A 83 -14.77 -11.93 6.06
N ILE A 84 -13.87 -11.01 5.73
CA ILE A 84 -12.57 -11.40 5.23
C ILE A 84 -11.58 -11.15 6.36
N VAL A 85 -10.96 -12.22 6.85
CA VAL A 85 -10.04 -12.16 7.98
C VAL A 85 -8.60 -12.02 7.49
N MET A 86 -7.90 -11.01 8.01
CA MET A 86 -6.55 -10.69 7.56
CA MET A 86 -6.52 -10.79 7.59
C MET A 86 -5.63 -10.39 8.75
N GLU A 87 -4.36 -10.27 8.45
CA GLU A 87 -3.32 -9.92 9.40
C GLU A 87 -3.59 -8.55 10.05
N TYR A 88 -3.31 -8.44 11.35
CA TYR A 88 -3.36 -7.15 12.06
C TYR A 88 -2.00 -6.48 12.03
N CYS A 89 -1.97 -5.22 11.61
CA CYS A 89 -0.72 -4.48 11.48
C CYS A 89 -0.73 -3.31 12.46
N GLU A 90 -0.12 -3.50 13.62
CA GLU A 90 -0.33 -2.58 14.72
C GLU A 90 0.14 -1.15 14.45
N GLY A 91 1.06 -0.98 13.50
CA GLY A 91 1.59 0.33 13.20
C GLY A 91 0.70 1.15 12.27
N GLY A 92 -0.36 0.55 11.75
CA GLY A 92 -1.30 1.28 10.92
C GLY A 92 -0.79 1.51 9.50
N ASP A 93 -1.36 2.48 8.80
CA ASP A 93 -1.04 2.71 7.41
C ASP A 93 -0.06 3.87 7.25
N LEU A 94 0.57 3.93 6.08
CA LEU A 94 1.58 4.96 5.80
C LEU A 94 0.95 6.34 5.64
N ALA A 95 -0.28 6.40 5.14
CA ALA A 95 -0.95 7.70 4.98
C ALA A 95 -1.02 8.40 6.35
N SER A 96 -1.36 7.64 7.38
CA SER A 96 -1.45 8.20 8.73
C SER A 96 -0.11 8.68 9.23
N VAL A 97 0.96 7.95 8.89
CA VAL A 97 2.31 8.33 9.27
C VAL A 97 2.73 9.67 8.62
N ILE A 98 2.41 9.83 7.35
CA ILE A 98 2.77 11.04 6.62
C ILE A 98 1.99 12.24 7.13
N THR A 99 0.69 12.04 7.34
CA THR A 99 -0.15 13.10 7.89
C THR A 99 0.40 13.53 9.25
N LYS A 100 0.79 12.56 10.05
CA LYS A 100 1.37 12.85 11.35
C LYS A 100 2.63 13.70 11.25
N GLY A 101 3.55 13.32 10.36
CA GLY A 101 4.76 14.09 10.19
C GLY A 101 4.46 15.49 9.67
N THR A 102 3.49 15.59 8.78
CA THR A 102 3.14 16.85 8.17
C THR A 102 2.57 17.79 9.22
N LYS A 103 1.63 17.27 9.99
CA LYS A 103 0.94 18.08 10.99
C LYS A 103 1.84 18.47 12.16
N GLU A 104 2.78 17.58 12.50
CA GLU A 104 3.66 17.82 13.65
C GLU A 104 5.04 18.33 13.24
N ARG A 105 5.21 18.60 11.95
CA ARG A 105 6.46 19.12 11.41
C ARG A 105 7.68 18.29 11.81
N GLN A 106 7.61 16.98 11.57
CA GLN A 106 8.74 16.11 11.85
C GLN A 106 8.95 15.12 10.70
N TYR A 107 10.10 15.21 10.05
CA TYR A 107 10.45 14.30 8.97
C TYR A 107 10.76 12.90 9.54
N LEU A 108 10.59 11.89 8.70
CA LEU A 108 10.88 10.49 9.06
CA LEU A 108 10.89 10.51 9.10
C LEU A 108 12.37 10.18 8.91
N ASP A 109 12.87 9.26 9.74
CA ASP A 109 14.26 8.80 9.66
C ASP A 109 14.58 8.22 8.29
N GLU A 110 15.79 8.45 7.78
CA GLU A 110 16.22 7.78 6.55
C GLU A 110 16.11 6.26 6.70
N GLU A 111 16.47 5.74 7.87
CA GLU A 111 16.39 4.30 8.09
C GLU A 111 14.99 3.76 7.85
N PHE A 112 13.98 4.53 8.26
CA PHE A 112 12.60 4.11 8.04
C PHE A 112 12.25 4.14 6.54
N VAL A 113 12.68 5.19 5.85
CA VAL A 113 12.44 5.25 4.42
C VAL A 113 13.11 4.07 3.69
N LEU A 114 14.31 3.68 4.12
CA LEU A 114 15.00 2.57 3.47
C LEU A 114 14.27 1.26 3.71
N ARG A 115 13.74 1.09 4.92
CA ARG A 115 12.92 -0.09 5.21
CA ARG A 115 12.91 -0.08 5.23
C ARG A 115 11.72 -0.16 4.27
N VAL A 116 11.03 0.96 4.10
CA VAL A 116 9.87 0.97 3.22
C VAL A 116 10.26 0.68 1.77
N MET A 117 11.33 1.33 1.30
CA MET A 117 11.80 1.11 -0.06
C MET A 117 12.11 -0.37 -0.29
N THR A 118 12.85 -0.96 0.64
CA THR A 118 13.30 -2.36 0.49
C THR A 118 12.11 -3.32 0.48
N GLN A 119 11.22 -3.15 1.44
CA GLN A 119 10.18 -4.13 1.65
C GLN A 119 9.07 -3.98 0.60
N LEU A 120 8.74 -2.74 0.22
CA LEU A 120 7.75 -2.54 -0.84
C LEU A 120 8.28 -2.98 -2.20
N THR A 121 9.58 -2.78 -2.42
CA THR A 121 10.16 -3.24 -3.67
C THR A 121 10.04 -4.76 -3.75
N LEU A 122 10.28 -5.45 -2.63
CA LEU A 122 10.09 -6.90 -2.64
C LEU A 122 8.60 -7.29 -2.82
N ALA A 123 7.69 -6.53 -2.22
CA ALA A 123 6.28 -6.84 -2.39
C ALA A 123 5.92 -6.69 -3.87
N LEU A 124 6.40 -5.61 -4.48
CA LEU A 124 6.17 -5.36 -5.89
C LEU A 124 6.69 -6.50 -6.75
N LYS A 125 7.91 -6.96 -6.43
CA LYS A 125 8.53 -8.06 -7.16
C LYS A 125 7.67 -9.31 -7.13
N GLU A 126 7.09 -9.62 -5.97
CA GLU A 126 6.18 -10.76 -5.86
C GLU A 126 4.91 -10.58 -6.69
N CYS A 127 4.34 -9.36 -6.68
CA CYS A 127 3.15 -9.09 -7.48
C CYS A 127 3.44 -9.30 -8.95
N HIS A 128 4.63 -8.87 -9.39
CA HIS A 128 5.04 -9.00 -10.79
C HIS A 128 5.21 -10.45 -11.19
N ARG A 129 5.65 -11.28 -10.25
CA ARG A 129 5.70 -12.72 -10.47
C ARG A 129 4.31 -13.21 -10.84
N ARG A 130 3.30 -12.64 -10.17
CA ARG A 130 1.86 -12.86 -10.40
C ARG A 130 1.17 -13.41 -9.15
N ARG A 140 -3.29 -4.29 -6.00
CA ARG A 140 -2.49 -3.87 -4.85
C ARG A 140 -1.80 -2.54 -5.12
N ASP A 141 -2.57 -1.45 -5.04
CA ASP A 141 -2.08 -0.11 -5.37
C ASP A 141 -0.94 0.36 -4.48
N LEU A 142 0.04 1.02 -5.09
CA LEU A 142 1.17 1.58 -4.38
C LEU A 142 0.80 3.00 -3.94
N LYS A 143 0.12 3.09 -2.79
CA LYS A 143 -0.29 4.36 -2.23
C LYS A 143 -0.22 4.25 -0.71
N PRO A 144 0.08 5.38 -0.03
CA PRO A 144 0.32 5.35 1.41
C PRO A 144 -0.81 4.69 2.22
N ALA A 145 -2.06 4.94 1.84
CA ALA A 145 -3.19 4.36 2.54
C ALA A 145 -3.29 2.84 2.35
N ASN A 146 -2.46 2.28 1.48
CA ASN A 146 -2.51 0.84 1.24
C ASN A 146 -1.23 0.13 1.67
N VAL A 147 -0.43 0.81 2.48
CA VAL A 147 0.82 0.25 2.98
C VAL A 147 0.79 0.28 4.50
N PHE A 148 1.05 -0.86 5.10
CA PHE A 148 0.84 -1.06 6.52
C PHE A 148 2.10 -1.48 7.22
N LEU A 149 2.14 -1.24 8.53
CA LEU A 149 3.32 -1.46 9.34
C LEU A 149 2.89 -2.36 10.47
N ASP A 150 3.68 -3.40 10.75
CA ASP A 150 3.38 -4.28 11.88
C ASP A 150 4.15 -3.80 13.12
N GLY A 151 4.27 -4.65 14.13
CA GLY A 151 4.93 -4.23 15.35
C GLY A 151 6.41 -4.56 15.42
N LYS A 152 6.99 -4.97 14.29
CA LYS A 152 8.36 -5.47 14.24
C LYS A 152 9.19 -4.82 13.15
N GLN A 153 8.80 -3.61 12.76
CA GLN A 153 9.50 -2.86 11.72
C GLN A 153 9.34 -3.51 10.35
N ASN A 154 8.23 -4.23 10.15
CA ASN A 154 7.95 -4.79 8.84
C ASN A 154 6.90 -3.97 8.09
N VAL A 155 6.94 -4.05 6.77
CA VAL A 155 6.09 -3.23 5.92
C VAL A 155 5.31 -4.17 5.00
N LYS A 156 3.99 -3.98 4.93
CA LYS A 156 3.16 -4.90 4.15
C LYS A 156 2.24 -4.15 3.19
N LEU A 157 2.18 -4.62 1.94
CA LEU A 157 1.31 -4.02 0.93
C LEU A 157 -0.08 -4.65 1.06
N GLY A 158 -1.10 -3.81 1.19
CA GLY A 158 -2.46 -4.31 1.40
C GLY A 158 -3.20 -4.62 0.10
N ASP A 159 -4.48 -4.91 0.24
CA ASP A 159 -5.35 -5.04 -0.93
C ASP A 159 -6.28 -3.83 -0.92
N PHE A 160 -6.03 -2.89 -1.81
CA PHE A 160 -6.84 -1.68 -1.80
C PHE A 160 -8.28 -1.97 -2.25
N GLY A 161 -8.49 -3.17 -2.80
CA GLY A 161 -9.82 -3.62 -3.16
C GLY A 161 -10.71 -3.75 -1.93
N LEU A 162 -10.08 -3.96 -0.78
CA LEU A 162 -10.81 -4.06 0.48
C LEU A 162 -11.31 -2.68 0.93
N ALA A 163 -10.46 -1.68 0.80
CA ALA A 163 -10.85 -0.30 1.12
C ALA A 163 -12.03 0.13 0.25
N ARG A 164 -11.99 -0.24 -1.03
CA ARG A 164 -13.01 0.16 -1.98
C ARG A 164 -14.35 -0.54 -1.75
N ILE A 165 -14.31 -1.77 -1.24
CA ILE A 165 -15.54 -2.54 -1.02
C ILE A 165 -16.22 -2.20 0.31
N LEU A 166 -15.46 -1.58 1.22
CA LEU A 166 -15.99 -1.17 2.51
C LEU A 166 -17.28 -0.35 2.35
N PHE A 176 -12.71 9.21 -8.46
CA PHE A 176 -13.15 10.27 -9.36
C PHE A 176 -12.77 11.65 -8.82
N VAL A 177 -13.27 11.99 -7.63
CA VAL A 177 -12.98 13.29 -7.04
C VAL A 177 -11.49 13.46 -6.73
N GLY A 178 -10.84 12.36 -6.40
CA GLY A 178 -9.42 12.41 -6.03
C GLY A 178 -8.50 12.88 -7.14
N THR A 179 -7.38 13.48 -6.76
CA THR A 179 -6.35 13.86 -7.71
C THR A 179 -5.38 12.69 -7.81
N PRO A 180 -5.08 12.26 -9.05
CA PRO A 180 -4.26 11.06 -9.28
C PRO A 180 -2.77 11.40 -9.16
N TYR A 181 -2.33 11.78 -7.97
CA TYR A 181 -0.96 12.26 -7.75
C TYR A 181 0.15 11.35 -8.27
N TYR A 182 -0.06 10.04 -8.19
CA TYR A 182 0.99 9.10 -8.54
C TYR A 182 0.92 8.55 -9.95
N MET A 183 0.03 9.09 -10.79
CA MET A 183 -0.10 8.56 -12.15
CA MET A 183 -0.10 8.56 -12.15
C MET A 183 1.18 8.79 -12.93
N SER A 184 1.67 7.75 -13.60
CA SER A 184 2.91 7.83 -14.36
C SER A 184 2.67 8.52 -15.70
N PRO A 185 3.74 9.09 -16.28
CA PRO A 185 3.67 9.77 -17.57
C PRO A 185 3.05 8.90 -18.66
N GLU A 186 3.50 7.65 -18.75
CA GLU A 186 3.00 6.75 -19.78
C GLU A 186 1.55 6.35 -19.52
N GLN A 187 1.19 6.24 -18.25
CA GLN A 187 -0.18 5.90 -17.89
C GLN A 187 -1.17 7.00 -18.30
N MET A 188 -0.76 8.25 -18.15
CA MET A 188 -1.61 9.36 -18.56
C MET A 188 -1.53 9.58 -20.07
N ASN A 189 -1.12 8.55 -20.79
CA ASN A 189 -1.02 8.58 -22.24
C ASN A 189 -1.43 7.25 -22.86
N ARG A 190 -2.27 6.50 -22.15
CA ARG A 190 -2.73 5.19 -22.60
C ARG A 190 -3.55 4.47 -21.53
N SER A 192 0.26 2.57 -19.24
CA SER A 192 0.42 1.57 -18.19
C SER A 192 0.60 0.18 -18.75
N TYR A 193 0.12 -0.83 -18.03
CA TYR A 193 0.35 -2.22 -18.40
C TYR A 193 1.85 -2.40 -18.58
N ASN A 194 2.59 -1.93 -17.58
CA ASN A 194 4.04 -1.73 -17.69
C ASN A 194 4.63 -1.76 -16.29
N GLU A 195 5.52 -2.72 -16.03
CA GLU A 195 6.08 -2.88 -14.69
C GLU A 195 6.86 -1.65 -14.23
N LYS A 196 7.44 -0.92 -15.17
CA LYS A 196 8.17 0.30 -14.84
C LYS A 196 7.26 1.43 -14.39
N SER A 197 5.99 1.39 -14.81
CA SER A 197 4.99 2.32 -14.27
C SER A 197 4.85 2.15 -12.77
N ASP A 198 4.97 0.93 -12.28
CA ASP A 198 4.87 0.69 -10.85
C ASP A 198 6.06 1.30 -10.12
N ILE A 199 7.22 1.36 -10.79
CA ILE A 199 8.43 1.92 -10.19
C ILE A 199 8.24 3.43 -10.01
N TRP A 200 7.61 4.05 -11.00
CA TRP A 200 7.22 5.46 -10.88
C TRP A 200 6.35 5.69 -9.65
N SER A 201 5.29 4.90 -9.49
CA SER A 201 4.43 5.07 -8.32
C SER A 201 5.19 4.86 -7.01
N LEU A 202 6.07 3.86 -6.97
CA LEU A 202 6.90 3.67 -5.79
C LEU A 202 7.75 4.90 -5.50
N GLY A 203 8.29 5.49 -6.56
CA GLY A 203 9.09 6.68 -6.44
C GLY A 203 8.27 7.79 -5.82
N CYS A 204 7.03 7.96 -6.28
CA CYS A 204 6.17 9.01 -5.74
C CYS A 204 5.93 8.77 -4.25
N LEU A 205 5.73 7.50 -3.90
CA LEU A 205 5.38 7.15 -2.53
C LEU A 205 6.56 7.44 -1.61
N LEU A 206 7.76 7.01 -2.02
CA LEU A 206 8.95 7.22 -1.21
C LEU A 206 9.27 8.72 -1.15
N TYR A 207 9.03 9.41 -2.25
CA TYR A 207 9.24 10.87 -2.28
C TYR A 207 8.35 11.53 -1.21
N GLU A 208 7.07 11.16 -1.20
CA GLU A 208 6.14 11.75 -0.25
C GLU A 208 6.52 11.41 1.19
N LEU A 209 6.99 10.19 1.42
CA LEU A 209 7.44 9.81 2.75
CA LEU A 209 7.44 9.79 2.74
C LEU A 209 8.55 10.72 3.24
N CYS A 210 9.44 11.14 2.33
CA CYS A 210 10.60 11.98 2.69
C CYS A 210 10.19 13.46 2.79
N ALA A 211 9.43 13.92 1.80
CA ALA A 211 9.09 15.33 1.65
C ALA A 211 7.84 15.72 2.41
N LEU A 212 7.03 14.72 2.74
CA LEU A 212 5.72 14.95 3.37
C LEU A 212 4.81 15.67 2.39
N MET A 213 5.12 15.54 1.11
CA MET A 213 4.25 16.02 0.04
C MET A 213 4.63 15.30 -1.23
N PRO A 214 3.67 15.09 -2.15
CA PRO A 214 3.97 14.37 -3.38
C PRO A 214 4.85 15.23 -4.27
N PRO A 215 5.56 14.61 -5.21
CA PRO A 215 6.53 15.39 -5.98
C PRO A 215 5.86 16.37 -6.95
N PHE A 216 4.64 16.05 -7.39
CA PHE A 216 3.90 16.94 -8.27
C PHE A 216 2.55 17.25 -7.63
N THR A 217 2.26 18.53 -7.40
CA THR A 217 0.99 18.92 -6.81
C THR A 217 0.28 19.86 -7.76
N ALA A 218 -1.04 19.90 -7.65
CA ALA A 218 -1.84 20.78 -8.49
C ALA A 218 -3.27 20.72 -7.99
N PHE A 219 -4.10 21.65 -8.44
CA PHE A 219 -5.50 21.70 -8.02
C PHE A 219 -6.42 20.88 -8.93
N SER A 220 -6.02 20.70 -10.18
CA SER A 220 -6.81 19.92 -11.13
C SER A 220 -5.95 18.85 -11.79
N GLN A 221 -6.58 17.87 -12.41
CA GLN A 221 -5.82 16.83 -13.09
C GLN A 221 -5.06 17.37 -14.30
N LYS A 222 -5.63 18.38 -14.95
CA LYS A 222 -5.00 18.96 -16.13
C LYS A 222 -3.72 19.69 -15.73
N GLU A 223 -3.77 20.41 -14.62
CA GLU A 223 -2.59 21.10 -14.11
C GLU A 223 -1.53 20.09 -13.68
N LEU A 224 -1.98 19.06 -12.97
CA LEU A 224 -1.11 17.97 -12.53
C LEU A 224 -0.39 17.34 -13.72
N ALA A 225 -1.15 17.06 -14.78
CA ALA A 225 -0.58 16.41 -15.96
C ALA A 225 0.52 17.28 -16.59
N GLY A 226 0.29 18.59 -16.65
CA GLY A 226 1.30 19.51 -17.12
C GLY A 226 2.60 19.40 -16.32
N LYS A 227 2.49 19.33 -15.00
CA LYS A 227 3.66 19.23 -14.13
C LYS A 227 4.40 17.91 -14.31
N ILE A 228 3.65 16.81 -14.36
CA ILE A 228 4.24 15.50 -14.61
C ILE A 228 5.02 15.47 -15.92
N ARG A 229 4.40 15.97 -16.99
CA ARG A 229 5.07 16.00 -18.30
C ARG A 229 6.41 16.72 -18.23
N GLU A 230 6.47 17.81 -17.48
CA GLU A 230 7.71 18.57 -17.32
C GLU A 230 8.77 17.79 -16.53
N GLY A 231 8.32 16.95 -15.60
CA GLY A 231 9.19 16.04 -14.85
C GLY A 231 10.11 16.68 -13.82
N LYS A 232 9.80 17.91 -13.42
CA LYS A 232 10.60 18.62 -12.43
C LYS A 232 9.96 18.60 -11.05
N PHE A 233 10.79 18.54 -10.02
CA PHE A 233 10.30 18.53 -8.65
C PHE A 233 11.42 18.96 -7.73
N ARG A 234 11.09 19.31 -6.50
CA ARG A 234 12.12 19.71 -5.54
C ARG A 234 12.93 18.49 -5.11
N ARG A 235 14.19 18.71 -4.74
CA ARG A 235 14.98 17.65 -4.11
C ARG A 235 14.24 17.28 -2.82
N ILE A 236 14.28 16.00 -2.44
CA ILE A 236 13.82 15.66 -1.09
C ILE A 236 14.68 16.42 -0.08
N PRO A 237 14.19 16.57 1.17
CA PRO A 237 14.91 17.38 2.16
C PRO A 237 16.38 16.98 2.39
N TYR A 238 17.20 17.97 2.75
CA TYR A 238 18.64 17.77 2.87
C TYR A 238 19.06 16.84 4.00
N ARG A 239 18.15 16.54 4.90
CA ARG A 239 18.45 15.55 5.93
C ARG A 239 18.66 14.16 5.30
N TYR A 240 18.12 13.95 4.11
CA TYR A 240 18.28 12.68 3.38
C TYR A 240 19.51 12.68 2.48
N SER A 241 20.19 11.53 2.44
CA SER A 241 21.45 11.38 1.72
C SER A 241 21.30 11.62 0.22
N ASP A 242 22.37 12.09 -0.39
CA ASP A 242 22.44 12.18 -1.86
C ASP A 242 22.13 10.81 -2.51
N GLU A 243 22.54 9.72 -1.86
CA GLU A 243 22.29 8.40 -2.41
C GLU A 243 20.79 8.09 -2.45
N LEU A 244 20.09 8.43 -1.38
CA LEU A 244 18.63 8.23 -1.34
C LEU A 244 17.91 9.15 -2.32
N ASN A 245 18.31 10.42 -2.36
CA ASN A 245 17.70 11.32 -3.33
C ASN A 245 17.89 10.79 -4.76
N GLU A 246 19.08 10.27 -5.03
CA GLU A 246 19.42 9.78 -6.36
C GLU A 246 18.50 8.63 -6.78
N ILE A 247 18.29 7.67 -5.89
CA ILE A 247 17.47 6.53 -6.31
C ILE A 247 16.00 6.91 -6.48
N ILE A 248 15.49 7.76 -5.59
CA ILE A 248 14.11 8.22 -5.75
C ILE A 248 13.99 9.04 -7.05
N THR A 249 14.98 9.87 -7.34
CA THR A 249 14.93 10.68 -8.55
C THR A 249 14.92 9.80 -9.80
N ARG A 250 15.70 8.72 -9.78
CA ARG A 250 15.73 7.79 -10.91
C ARG A 250 14.38 7.10 -11.14
N MET A 251 13.68 6.77 -10.06
CA MET A 251 12.35 6.18 -10.17
C MET A 251 11.35 7.15 -10.81
N LEU A 252 11.63 8.44 -10.66
CA LEU A 252 10.77 9.48 -11.24
C LEU A 252 11.29 10.00 -12.59
N ASN A 253 12.11 9.21 -13.28
CA ASN A 253 12.48 9.56 -14.64
C ASN A 253 11.26 9.53 -15.58
N LEU A 254 11.15 10.50 -16.49
CA LEU A 254 10.05 10.54 -17.45
C LEU A 254 10.03 9.31 -18.37
N LYS A 255 11.21 8.80 -18.70
CA LYS A 255 11.35 7.59 -19.53
C LYS A 255 11.27 6.33 -18.67
N ASP A 256 10.29 5.48 -18.94
CA ASP A 256 10.18 4.22 -18.19
C ASP A 256 11.47 3.40 -18.21
N TYR A 257 12.16 3.41 -19.35
CA TYR A 257 13.37 2.59 -19.49
C TYR A 257 14.60 3.13 -18.75
N HIS A 258 14.51 4.35 -18.25
CA HIS A 258 15.58 4.88 -17.38
C HIS A 258 15.33 4.60 -15.90
N ARG A 259 14.10 4.25 -15.53
CA ARG A 259 13.82 3.88 -14.14
C ARG A 259 14.47 2.54 -13.79
N PRO A 260 14.95 2.40 -12.55
CA PRO A 260 15.55 1.13 -12.17
C PRO A 260 14.50 0.04 -12.06
N SER A 261 14.91 -1.19 -12.39
CA SER A 261 14.10 -2.37 -12.16
CA SER A 261 14.08 -2.35 -12.16
C SER A 261 14.10 -2.68 -10.66
N VAL A 262 13.22 -3.59 -10.24
CA VAL A 262 13.22 -4.10 -8.87
CA VAL A 262 13.24 -4.01 -8.84
C VAL A 262 14.61 -4.59 -8.48
N GLU A 263 15.22 -5.33 -9.41
CA GLU A 263 16.54 -5.91 -9.19
C GLU A 263 17.60 -4.83 -8.99
N GLU A 264 17.56 -3.80 -9.84
CA GLU A 264 18.49 -2.69 -9.74
C GLU A 264 18.29 -1.87 -8.46
N ILE A 265 17.04 -1.68 -8.03
CA ILE A 265 16.78 -1.02 -6.77
C ILE A 265 17.44 -1.81 -5.63
N LEU A 266 17.21 -3.12 -5.58
CA LEU A 266 17.70 -3.92 -4.46
C LEU A 266 19.22 -4.06 -4.41
N GLU A 267 19.88 -3.85 -5.55
CA GLU A 267 21.34 -3.85 -5.60
C GLU A 267 21.94 -2.57 -5.02
N ASN A 268 21.11 -1.56 -4.76
CA ASN A 268 21.67 -0.28 -4.30
C ASN A 268 22.42 -0.47 -2.99
N PRO A 269 23.63 0.13 -2.87
CA PRO A 269 24.43 0.04 -1.65
C PRO A 269 23.72 0.47 -0.37
N LEU A 270 22.72 1.34 -0.48
CA LEU A 270 21.90 1.75 0.67
C LEU A 270 21.19 0.60 1.38
N ILE A 271 20.77 -0.41 0.61
CA ILE A 271 19.88 -1.45 1.12
C ILE A 271 20.64 -2.61 1.76
N LEU A 272 20.35 -2.85 3.04
CA LEU A 272 21.09 -3.85 3.80
C LEU A 272 20.14 -4.87 4.41
N GLU A 273 20.69 -5.94 4.98
CA GLU A 273 19.86 -7.01 5.52
C GLU A 273 18.84 -6.48 6.51
N HIS A 274 19.26 -5.57 7.39
CA HIS A 274 18.36 -5.12 8.46
C HIS A 274 17.13 -4.35 7.94
N HIS A 275 17.18 -3.86 6.70
CA HIS A 275 16.05 -3.14 6.10
C HIS A 275 14.98 -4.09 5.57
N HIS A 276 15.30 -5.38 5.50
CA HIS A 276 14.33 -6.40 5.09
C HIS A 276 13.44 -6.83 6.26
N HIS A 277 12.49 -7.72 5.98
CA HIS A 277 11.54 -8.11 7.00
C HIS A 277 12.23 -9.04 8.01
N HIS A 278 11.74 -9.03 9.24
CA HIS A 278 12.17 -9.99 10.26
C HIS A 278 10.98 -10.43 11.10
N HIS A 279 10.85 -11.75 11.24
CA HIS A 279 9.80 -12.35 12.06
C HIS A 279 9.99 -12.08 13.54
#